data_4QRB
#
_entry.id   4QRB
#
_cell.length_a   57.330
_cell.length_b   66.459
_cell.length_c   206.865
_cell.angle_alpha   90.00
_cell.angle_beta   90.00
_cell.angle_gamma   90.00
#
_symmetry.space_group_name_H-M   'C 2 2 21'
#
loop_
_entity.id
_entity.type
_entity.pdbx_description
1 polymer 'L,d-transpeptidase LdtB'
2 non-polymer GLCNAC(BETA1-4)-MURNAC(1,6-ANHYDRO)-L-ALA-GAMMA-D-GLU-MESO-A2PM-D-ALA
3 water water
#
_entity_poly.entity_id   1
_entity_poly.type   'polypeptide(L)'
_entity_poly.pdbx_seq_one_letter_code
;LLVPKLTASVTDGAVGVTVDAPVSVTAADGVLAAVTMVNDNGRPVAGRLSPDGLRWSTTEQLGYNRRYTLNATALGLGGA
ATRQLTFQTSSPAHLTMPYVMPGDGEVVGVGEPVAIRFDENIADRGAAEKAIKITTNPPVEGAFYWLNNREVRWRPEHFW
KPGTAVDVAVNTYGVDLGEGMFGEDNVQTHFTIGDEVIATADDNTKILTVRVNGEVVKSMPTSMGKDSTPTANGIYIVGS
RYKHIIMDSSTYGVPVNSPNGYRTDVDWATQISYSGVFVHSAPWSVGAQGHTNTSHGCLNVSPSNAQWFYDHVKRGDIVE
VVNTVGGTLPGIDGLGDWNIPWDQWRAGNAKA
;
_entity_poly.pdbx_strand_id   A
#
loop_
_chem_comp.id
_chem_comp.type
_chem_comp.name
_chem_comp.formula
MLD non-polymer GLCNAC(BETA1-4)-MURNAC(1,6-ANHYDRO)-L-ALA-GAMMA-D-GLU-MESO-A2PM-D-ALA 'C37 H59 N7 O20'
#
# COMPACT_ATOMS: atom_id res chain seq x y z
N LEU A 1 3.85 13.24 49.99
CA LEU A 1 3.16 12.05 49.39
C LEU A 1 1.63 12.26 49.24
N LEU A 2 1.14 13.46 49.62
CA LEU A 2 -0.31 13.82 49.54
C LEU A 2 -0.70 14.84 48.43
N VAL A 3 0.28 15.60 47.93
CA VAL A 3 0.07 16.53 46.78
C VAL A 3 -0.02 15.72 45.51
N PRO A 4 -0.61 16.29 44.46
CA PRO A 4 -0.69 15.47 43.23
C PRO A 4 0.62 14.95 42.63
N LYS A 5 0.53 13.80 41.92
CA LYS A 5 1.68 13.25 41.26
C LYS A 5 1.50 13.43 39.80
N LEU A 6 2.55 13.86 39.12
CA LEU A 6 2.47 14.06 37.67
C LEU A 6 3.41 13.06 36.96
N THR A 7 2.89 12.46 35.92
CA THR A 7 3.71 11.54 35.08
C THR A 7 3.62 12.04 33.66
N ALA A 8 4.60 11.72 32.86
CA ALA A 8 4.61 12.03 31.45
C ALA A 8 5.20 10.90 30.65
N SER A 9 4.88 10.88 29.36
CA SER A 9 5.30 9.82 28.46
C SER A 9 6.71 10.05 27.87
N VAL A 10 7.33 11.14 28.29
CA VAL A 10 8.69 11.49 27.94
C VAL A 10 9.46 11.79 29.22
N THR A 11 10.78 11.66 29.16
CA THR A 11 11.69 11.85 30.30
C THR A 11 12.53 13.15 30.15
N ASP A 12 12.75 13.84 31.23
CA ASP A 12 13.49 15.06 31.24
C ASP A 12 14.89 14.81 30.75
N GLY A 13 15.34 15.66 29.84
CA GLY A 13 16.66 15.52 29.29
C GLY A 13 16.80 14.50 28.18
N ALA A 14 15.74 13.79 27.81
CA ALA A 14 15.85 12.81 26.76
C ALA A 14 16.19 13.45 25.44
N VAL A 15 16.95 12.72 24.66
CA VAL A 15 17.28 13.15 23.27
C VAL A 15 16.88 12.06 22.29
N GLY A 16 16.80 12.38 20.99
CA GLY A 16 16.30 11.40 20.06
C GLY A 16 14.90 10.87 20.22
N VAL A 17 14.03 11.62 20.88
CA VAL A 17 12.67 11.23 21.11
C VAL A 17 11.88 11.19 19.81
N THR A 18 11.25 10.06 19.54
CA THR A 18 10.56 9.92 18.30
C THR A 18 9.21 10.60 18.30
N VAL A 19 8.87 11.15 17.18
CA VAL A 19 7.66 11.97 16.93
C VAL A 19 6.52 11.17 16.27
N ASP A 20 6.59 9.87 16.38
CA ASP A 20 5.45 9.04 15.96
C ASP A 20 4.34 8.98 16.98
N ALA A 21 4.58 9.41 18.23
CA ALA A 21 3.60 9.23 19.25
C ALA A 21 3.29 10.57 19.87
N PRO A 22 2.05 10.79 20.28
CA PRO A 22 1.75 11.99 21.07
C PRO A 22 2.44 11.91 22.42
N VAL A 23 2.60 13.07 23.00
CA VAL A 23 3.14 13.20 24.36
C VAL A 23 1.95 13.39 25.29
N SER A 24 1.97 12.61 26.37
CA SER A 24 0.89 12.69 27.38
C SER A 24 1.40 12.96 28.72
N VAL A 25 0.53 13.58 29.49
CA VAL A 25 0.74 13.80 30.90
C VAL A 25 -0.51 13.36 31.67
N THR A 26 -0.29 12.78 32.83
CA THR A 26 -1.34 12.29 33.68
C THR A 26 -1.18 12.81 35.12
N ALA A 27 -2.29 13.09 35.80
CA ALA A 27 -2.17 13.37 37.24
C ALA A 27 -2.81 12.27 38.06
N ALA A 28 -2.19 11.96 39.22
CA ALA A 28 -2.82 11.19 40.32
C ALA A 28 -3.02 12.09 41.58
N ASP A 29 -4.00 11.72 42.42
CA ASP A 29 -4.29 12.47 43.66
C ASP A 29 -4.50 13.95 43.34
N GLY A 30 -5.20 14.20 42.25
CA GLY A 30 -5.37 15.58 41.81
C GLY A 30 -5.78 15.66 40.35
N VAL A 31 -5.91 16.88 39.87
CA VAL A 31 -6.35 17.16 38.51
C VAL A 31 -5.34 18.12 37.93
N LEU A 32 -5.16 17.99 36.60
CA LEU A 32 -4.32 18.94 35.86
C LEU A 32 -5.09 20.22 35.74
N ALA A 33 -4.50 21.32 36.17
CA ALA A 33 -5.09 22.65 35.97
C ALA A 33 -4.76 23.14 34.58
N ALA A 34 -3.48 22.95 34.21
CA ALA A 34 -2.94 23.46 32.98
C ALA A 34 -1.70 22.68 32.56
N VAL A 35 -1.56 22.48 31.24
CA VAL A 35 -0.37 21.87 30.69
C VAL A 35 -0.06 22.57 29.37
N THR A 36 1.20 22.92 29.19
CA THR A 36 1.67 23.58 28.01
C THR A 36 2.91 22.88 27.51
N MET A 37 3.09 22.88 26.20
CA MET A 37 4.34 22.41 25.64
C MET A 37 4.74 23.42 24.57
N VAL A 38 5.96 23.93 24.66
CA VAL A 38 6.43 24.94 23.72
C VAL A 38 7.76 24.53 23.09
N ASN A 39 7.99 24.98 21.84
CA ASN A 39 9.29 24.80 21.20
C ASN A 39 10.27 25.88 21.60
N ASP A 40 11.45 25.91 21.00
CA ASP A 40 12.46 26.86 21.49
C ASP A 40 12.27 28.24 20.95
N ASN A 41 11.22 28.51 20.18
CA ASN A 41 10.73 29.85 19.92
C ASN A 41 9.50 30.28 20.72
N GLY A 42 9.14 29.47 21.73
CA GLY A 42 8.07 29.81 22.61
C GLY A 42 6.67 29.55 22.06
N ARG A 43 6.66 28.77 20.97
CA ARG A 43 5.38 28.46 20.27
C ARG A 43 4.75 27.22 20.80
N PRO A 44 3.47 27.32 21.16
CA PRO A 44 2.81 26.19 21.77
C PRO A 44 2.45 25.12 20.77
N VAL A 45 2.45 23.93 21.28
CA VAL A 45 1.99 22.71 20.54
C VAL A 45 0.52 22.54 20.99
N ALA A 46 -0.37 22.24 20.06
CA ALA A 46 -1.73 22.07 20.43
C ALA A 46 -1.90 20.80 21.27
N GLY A 47 -2.83 20.89 22.23
CA GLY A 47 -3.08 19.71 23.11
C GLY A 47 -4.50 19.80 23.67
N ARG A 48 -4.87 18.76 24.42
CA ARG A 48 -6.22 18.75 24.99
C ARG A 48 -6.18 18.05 26.30
N LEU A 49 -6.87 18.67 27.21
CA LEU A 49 -7.05 18.25 28.57
C LEU A 49 -8.33 17.45 28.65
N SER A 50 -8.27 16.23 29.20
CA SER A 50 -9.53 15.46 29.34
C SER A 50 -10.57 16.17 30.22
N PRO A 51 -11.86 15.86 30.00
CA PRO A 51 -12.93 16.51 30.84
C PRO A 51 -12.72 16.31 32.29
N ASP A 52 -12.28 15.11 32.64
CA ASP A 52 -12.05 14.81 34.04
C ASP A 52 -10.79 15.40 34.72
N GLY A 53 -10.02 16.09 33.86
CA GLY A 53 -8.76 16.68 34.21
C GLY A 53 -7.65 15.81 34.62
N LEU A 54 -7.69 14.51 34.17
CA LEU A 54 -6.70 13.58 34.67
C LEU A 54 -5.61 13.33 33.58
N ARG A 55 -5.91 13.66 32.34
CA ARG A 55 -4.99 13.33 31.24
C ARG A 55 -4.94 14.47 30.25
N TRP A 56 -3.74 14.75 29.77
CA TRP A 56 -3.56 15.72 28.69
C TRP A 56 -2.71 15.05 27.63
N SER A 57 -2.99 15.38 26.39
CA SER A 57 -2.17 14.95 25.30
C SER A 57 -2.00 15.95 24.22
N THR A 58 -0.87 15.88 23.53
CA THR A 58 -0.71 16.67 22.34
C THR A 58 -1.67 16.15 21.28
N THR A 59 -2.01 17.05 20.38
CA THR A 59 -3.04 16.73 19.33
C THR A 59 -2.55 17.06 17.98
N GLU A 60 -1.32 17.50 17.82
CA GLU A 60 -0.71 17.67 16.51
C GLU A 60 0.70 17.13 16.52
N GLN A 61 1.27 16.95 15.33
CA GLN A 61 2.56 16.33 15.19
C GLN A 61 3.66 17.25 15.72
N LEU A 62 4.57 16.63 16.48
CA LEU A 62 5.79 17.32 16.95
C LEU A 62 6.76 17.32 15.78
N GLY A 63 7.61 18.31 15.67
CA GLY A 63 8.63 18.36 14.66
C GLY A 63 9.96 17.76 14.93
N TYR A 64 10.70 17.42 13.88
CA TYR A 64 12.08 16.95 14.04
C TYR A 64 12.98 18.06 14.46
N ASN A 65 14.07 17.69 15.07
CA ASN A 65 15.09 18.64 15.28
C ASN A 65 14.64 19.72 16.23
N ARG A 66 13.85 19.37 17.21
CA ARG A 66 13.28 20.41 18.05
C ARG A 66 13.48 20.09 19.50
N ARG A 67 13.51 21.10 20.34
CA ARG A 67 13.56 20.96 21.77
C ARG A 67 12.22 21.47 22.28
N TYR A 68 11.53 20.70 23.11
CA TYR A 68 10.27 21.11 23.59
C TYR A 68 10.34 21.21 25.12
N THR A 69 9.65 22.15 25.69
CA THR A 69 9.56 22.28 27.14
C THR A 69 8.12 22.09 27.54
N LEU A 70 7.92 21.19 28.50
CA LEU A 70 6.60 20.78 29.00
C LEU A 70 6.45 21.40 30.38
N ASN A 71 5.36 22.13 30.60
CA ASN A 71 5.09 22.72 31.97
C ASN A 71 3.72 22.19 32.37
N ALA A 72 3.57 21.64 33.60
CA ALA A 72 2.27 21.15 34.01
C ALA A 72 2.01 21.52 35.45
N THR A 73 0.77 21.86 35.76
CA THR A 73 0.37 22.23 37.10
C THR A 73 -0.78 21.39 37.49
N ALA A 74 -0.72 20.75 38.67
CA ALA A 74 -1.84 19.98 39.13
C ALA A 74 -2.28 20.38 40.53
N LEU A 75 -3.56 20.23 40.81
CA LEU A 75 -4.10 20.66 42.11
C LEU A 75 -4.91 19.53 42.66
N GLY A 76 -4.83 19.39 43.96
CA GLY A 76 -5.67 18.42 44.60
C GLY A 76 -5.88 18.87 46.04
N LEU A 77 -6.88 18.25 46.66
CA LEU A 77 -7.18 18.51 48.08
C LEU A 77 -5.90 18.56 49.00
N GLY A 78 -4.84 17.84 48.63
CA GLY A 78 -3.54 17.97 49.29
C GLY A 78 -2.61 19.13 48.82
N GLY A 79 -3.03 19.97 47.86
CA GLY A 79 -2.27 21.20 47.52
C GLY A 79 -1.90 21.18 46.03
N ALA A 80 -0.84 21.90 45.67
CA ALA A 80 -0.51 22.02 44.26
C ALA A 80 0.80 21.39 43.93
N ALA A 81 0.99 21.02 42.67
CA ALA A 81 2.35 20.68 42.22
C ALA A 81 2.54 21.19 40.83
N THR A 82 3.67 21.85 40.56
CA THR A 82 4.05 22.30 39.18
C THR A 82 5.35 21.70 38.77
N ARG A 83 5.45 21.22 37.53
CA ARG A 83 6.59 20.43 37.14
C ARG A 83 6.90 20.80 35.73
N GLN A 84 8.18 20.61 35.38
CA GLN A 84 8.66 21.01 34.09
C GLN A 84 9.65 19.97 33.60
N LEU A 85 9.67 19.73 32.30
CA LEU A 85 10.75 18.86 31.70
C LEU A 85 11.05 19.39 30.28
N THR A 86 12.22 19.06 29.76
CA THR A 86 12.58 19.44 28.39
C THR A 86 13.13 18.21 27.77
N PHE A 87 12.91 18.04 26.47
CA PHE A 87 13.48 16.92 25.71
C PHE A 87 13.68 17.37 24.23
N GLN A 88 14.37 16.51 23.46
CA GLN A 88 14.74 16.85 22.12
C GLN A 88 14.35 15.71 21.22
N THR A 89 13.74 16.05 20.06
CA THR A 89 13.29 15.01 19.12
C THR A 89 14.36 14.55 18.16
N SER A 90 14.06 13.44 17.50
CA SER A 90 14.94 12.92 16.43
C SER A 90 15.42 13.96 15.47
N SER A 91 16.69 13.82 15.00
CA SER A 91 17.30 14.68 14.02
C SER A 91 17.67 13.78 12.83
N PRO A 92 16.74 13.61 11.90
CA PRO A 92 17.04 12.73 10.75
C PRO A 92 18.20 13.24 9.90
N ALA A 93 18.91 12.30 9.35
CA ALA A 93 19.87 12.56 8.27
C ALA A 93 19.11 12.87 6.96
N HIS A 94 18.02 12.12 6.71
CA HIS A 94 17.21 12.27 5.54
C HIS A 94 15.79 11.82 5.83
N LEU A 95 14.87 12.30 4.99
CA LEU A 95 13.49 11.97 5.05
C LEU A 95 13.05 11.18 3.80
N THR A 96 12.06 10.33 3.99
CA THR A 96 11.48 9.63 2.85
C THR A 96 10.00 9.63 2.90
N MET A 97 9.40 9.87 1.75
CA MET A 97 7.98 9.98 1.64
C MET A 97 7.34 8.71 1.11
N PRO A 98 6.26 8.22 1.73
CA PRO A 98 5.54 7.02 1.20
C PRO A 98 4.42 7.44 0.27
N TYR A 99 4.03 6.53 -0.61
CA TYR A 99 2.95 6.65 -1.52
C TYR A 99 2.20 5.32 -1.51
N VAL A 100 0.93 5.36 -1.27
CA VAL A 100 0.11 4.17 -1.21
C VAL A 100 -0.87 3.97 -2.34
N MET A 101 -0.99 2.73 -2.79
CA MET A 101 -1.99 2.29 -3.74
C MET A 101 -2.68 1.05 -3.24
N PRO A 102 -3.93 0.82 -3.64
CA PRO A 102 -4.68 1.61 -4.58
C PRO A 102 -5.18 2.90 -3.96
N GLY A 103 -5.76 3.69 -4.83
CA GLY A 103 -6.28 4.92 -4.43
C GLY A 103 -7.43 4.92 -3.43
N ASP A 104 -7.53 5.98 -2.70
CA ASP A 104 -8.53 6.04 -1.66
C ASP A 104 -9.94 6.05 -2.20
N GLY A 105 -10.78 5.28 -1.55
CA GLY A 105 -12.11 5.01 -1.97
C GLY A 105 -12.35 4.15 -3.18
N GLU A 106 -11.29 3.64 -3.79
CA GLU A 106 -11.49 2.87 -4.99
C GLU A 106 -12.16 1.52 -4.72
N VAL A 107 -12.82 0.93 -5.74
CA VAL A 107 -13.26 -0.46 -5.73
C VAL A 107 -12.33 -1.18 -6.65
N VAL A 108 -11.71 -2.30 -6.20
CA VAL A 108 -10.72 -2.99 -7.00
C VAL A 108 -11.04 -4.45 -7.05
N GLY A 109 -10.38 -5.17 -7.96
CA GLY A 109 -10.53 -6.58 -8.08
C GLY A 109 -9.86 -7.39 -7.00
N VAL A 110 -10.14 -8.71 -7.10
CA VAL A 110 -9.73 -9.62 -6.09
C VAL A 110 -8.22 -9.93 -6.05
N GLY A 111 -7.46 -9.40 -7.04
CA GLY A 111 -6.02 -9.56 -7.12
C GLY A 111 -5.20 -8.37 -6.66
N GLU A 112 -5.85 -7.30 -6.20
CA GLU A 112 -5.17 -6.04 -6.00
C GLU A 112 -4.33 -6.09 -4.68
N PRO A 113 -2.98 -5.97 -4.76
CA PRO A 113 -2.27 -5.90 -3.50
C PRO A 113 -2.34 -4.50 -2.90
N VAL A 114 -2.06 -4.40 -1.61
CA VAL A 114 -1.75 -3.11 -1.06
C VAL A 114 -0.30 -2.86 -1.42
N ALA A 115 -0.03 -1.63 -1.83
CA ALA A 115 1.31 -1.28 -2.29
C ALA A 115 1.78 0.01 -1.61
N ILE A 116 2.93 -0.02 -1.00
CA ILE A 116 3.51 1.15 -0.38
C ILE A 116 4.88 1.33 -1.02
N ARG A 117 5.04 2.47 -1.71
CA ARG A 117 6.23 2.84 -2.45
C ARG A 117 6.88 4.03 -1.71
N PHE A 118 8.17 3.96 -1.47
CA PHE A 118 8.93 5.05 -0.84
C PHE A 118 9.78 5.70 -1.93
N ASP A 119 10.07 7.00 -1.74
CA ASP A 119 10.95 7.71 -2.62
C ASP A 119 12.44 7.64 -2.28
N GLU A 120 12.79 6.72 -1.38
CA GLU A 120 14.18 6.41 -0.96
C GLU A 120 14.24 4.90 -0.68
N ASN A 121 15.43 4.35 -0.80
CA ASN A 121 15.69 2.95 -0.52
C ASN A 121 15.59 2.77 0.98
N ILE A 122 14.92 1.70 1.44
CA ILE A 122 14.63 1.54 2.86
C ILE A 122 15.66 0.54 3.44
N ALA A 123 16.43 1.02 4.42
CA ALA A 123 17.46 0.22 5.01
C ALA A 123 16.97 -0.76 6.02
N ASP A 124 15.92 -0.37 6.74
CA ASP A 124 15.32 -1.17 7.80
C ASP A 124 13.86 -1.49 7.37
N ARG A 125 13.77 -2.55 6.56
CA ARG A 125 12.47 -2.98 5.99
C ARG A 125 11.55 -3.37 7.09
N GLY A 126 12.06 -3.95 8.15
CA GLY A 126 11.20 -4.38 9.26
C GLY A 126 10.52 -3.24 10.00
N ALA A 127 11.23 -2.09 10.10
CA ALA A 127 10.65 -0.91 10.68
C ALA A 127 9.55 -0.36 9.82
N ALA A 128 9.73 -0.39 8.48
CA ALA A 128 8.69 0.07 7.61
C ALA A 128 7.45 -0.86 7.71
N GLU A 129 7.69 -2.20 7.68
CA GLU A 129 6.51 -3.08 7.78
C GLU A 129 5.73 -2.84 9.07
N LYS A 130 6.45 -2.66 10.19
CA LYS A 130 5.79 -2.52 11.50
C LYS A 130 4.94 -1.24 11.58
N ALA A 131 5.37 -0.23 10.82
CA ALA A 131 4.69 1.06 10.72
C ALA A 131 3.48 1.14 9.86
N ILE A 132 3.24 0.07 9.08
CA ILE A 132 2.11 -0.01 8.16
C ILE A 132 1.07 -0.91 8.75
N LYS A 133 -0.05 -0.31 9.13
CA LYS A 133 -1.16 -0.96 9.79
C LYS A 133 -2.28 -1.19 8.83
N ILE A 134 -2.45 -2.47 8.46
CA ILE A 134 -3.54 -2.89 7.58
C ILE A 134 -4.67 -3.60 8.32
N THR A 135 -5.92 -3.12 8.15
CA THR A 135 -7.08 -3.66 8.73
C THR A 135 -7.91 -4.22 7.58
N THR A 136 -8.47 -5.39 7.81
CA THR A 136 -9.39 -6.04 6.83
C THR A 136 -10.70 -6.49 7.49
N ASN A 137 -11.80 -6.35 6.75
CA ASN A 137 -13.10 -6.77 7.22
C ASN A 137 -13.90 -7.32 6.07
N PRO A 138 -14.13 -8.63 6.05
CA PRO A 138 -13.82 -9.63 7.06
C PRO A 138 -12.35 -9.83 7.21
N PRO A 139 -11.90 -10.04 8.44
CA PRO A 139 -10.48 -10.19 8.63
C PRO A 139 -9.86 -11.39 7.87
N VAL A 140 -8.68 -11.18 7.33
CA VAL A 140 -7.95 -12.16 6.60
C VAL A 140 -6.44 -11.97 6.85
N GLU A 141 -5.76 -13.09 6.95
CA GLU A 141 -4.32 -13.12 7.08
C GLU A 141 -3.71 -12.62 5.79
N GLY A 142 -2.74 -11.74 5.91
CA GLY A 142 -1.93 -11.40 4.73
C GLY A 142 -0.49 -11.23 5.20
N ALA A 143 0.39 -10.81 4.29
CA ALA A 143 1.80 -10.61 4.63
C ALA A 143 2.52 -9.66 3.68
N PHE A 144 3.61 -9.05 4.17
CA PHE A 144 4.46 -8.17 3.39
C PHE A 144 5.51 -8.91 2.61
N TYR A 145 5.76 -8.41 1.39
CA TYR A 145 6.90 -8.84 0.55
C TYR A 145 7.39 -7.67 -0.32
N TRP A 146 8.71 -7.45 -0.31
CA TRP A 146 9.30 -6.32 -1.03
C TRP A 146 9.54 -6.69 -2.51
N LEU A 147 9.04 -5.83 -3.42
CA LEU A 147 9.32 -6.04 -4.85
C LEU A 147 10.68 -5.54 -5.22
N ASN A 148 11.18 -4.57 -4.46
CA ASN A 148 12.45 -3.92 -4.65
C ASN A 148 12.74 -3.07 -3.43
N ASN A 149 13.84 -2.31 -3.45
CA ASN A 149 14.27 -1.61 -2.22
C ASN A 149 13.39 -0.50 -1.84
N ARG A 150 12.50 -0.10 -2.72
CA ARG A 150 11.58 1.02 -2.47
C ARG A 150 10.08 0.68 -2.37
N GLU A 151 9.62 -0.54 -2.62
CA GLU A 151 8.23 -0.79 -2.67
C GLU A 151 7.91 -2.12 -2.04
N VAL A 152 6.99 -2.06 -1.07
CA VAL A 152 6.52 -3.29 -0.40
C VAL A 152 5.04 -3.50 -0.75
N ARG A 153 4.66 -4.74 -0.82
CA ARG A 153 3.30 -5.16 -1.10
C ARG A 153 2.78 -6.04 0.03
N TRP A 154 1.47 -6.03 0.17
CA TRP A 154 0.79 -6.87 1.10
C TRP A 154 -0.44 -7.49 0.45
N ARG A 155 -0.58 -8.78 0.65
CA ARG A 155 -1.74 -9.51 0.16
C ARG A 155 -2.03 -10.77 0.98
N PRO A 156 -3.27 -11.28 0.90
CA PRO A 156 -3.61 -12.61 1.45
C PRO A 156 -3.02 -13.75 0.66
N GLU A 157 -3.20 -14.95 1.19
CA GLU A 157 -2.72 -16.17 0.53
C GLU A 157 -3.51 -16.43 -0.74
N HIS A 158 -4.78 -16.26 -0.67
CA HIS A 158 -5.69 -16.42 -1.77
C HIS A 158 -6.24 -15.10 -2.22
N PHE A 159 -6.88 -15.06 -3.38
CA PHE A 159 -7.48 -13.86 -3.84
C PHE A 159 -8.42 -13.35 -2.76
N TRP A 160 -8.60 -12.05 -2.73
CA TRP A 160 -9.48 -11.44 -1.79
C TRP A 160 -10.92 -11.90 -1.95
N LYS A 161 -11.69 -11.93 -0.87
CA LYS A 161 -13.14 -12.20 -0.94
C LYS A 161 -13.83 -10.90 -1.33
N PRO A 162 -14.69 -10.94 -2.33
CA PRO A 162 -15.43 -9.78 -2.65
C PRO A 162 -16.18 -9.23 -1.40
N GLY A 163 -16.41 -7.94 -1.32
CA GLY A 163 -17.02 -7.31 -0.19
C GLY A 163 -16.12 -6.97 0.98
N THR A 164 -14.82 -7.23 0.83
CA THR A 164 -13.85 -6.93 1.86
C THR A 164 -13.46 -5.47 1.89
N ALA A 165 -13.56 -4.82 3.05
CA ALA A 165 -13.02 -3.49 3.27
C ALA A 165 -11.62 -3.57 3.73
N VAL A 166 -10.75 -2.75 3.13
CA VAL A 166 -9.33 -2.73 3.49
C VAL A 166 -8.94 -1.31 3.89
N ASP A 167 -8.38 -1.14 5.11
CA ASP A 167 -7.90 0.16 5.57
C ASP A 167 -6.47 0.12 5.78
N VAL A 168 -5.77 1.11 5.26
CA VAL A 168 -4.35 1.12 5.28
C VAL A 168 -3.78 2.39 5.92
N ALA A 169 -3.11 2.26 7.05
CA ALA A 169 -2.53 3.42 7.70
C ALA A 169 -1.01 3.29 7.67
N VAL A 170 -0.34 4.06 6.83
CA VAL A 170 1.09 4.09 6.75
C VAL A 170 1.62 5.12 7.74
N ASN A 171 1.96 4.63 8.91
CA ASN A 171 2.32 5.55 10.09
C ASN A 171 3.84 5.76 10.21
N THR A 172 4.43 6.28 9.12
CA THR A 172 5.85 6.33 8.95
C THR A 172 6.45 7.69 9.53
N TYR A 173 5.58 8.67 9.78
CA TYR A 173 6.08 9.89 10.40
C TYR A 173 6.65 9.59 11.79
N GLY A 174 7.92 10.05 11.93
CA GLY A 174 8.71 9.83 13.10
C GLY A 174 9.38 8.50 13.33
N VAL A 175 9.22 7.59 12.34
CA VAL A 175 9.85 6.28 12.44
C VAL A 175 11.22 6.29 11.78
N ASP A 176 12.21 5.71 12.45
CA ASP A 176 13.54 5.52 11.97
C ASP A 176 13.55 4.30 11.07
N LEU A 177 13.77 4.58 9.80
CA LEU A 177 13.79 3.55 8.72
C LEU A 177 15.19 3.09 8.38
N GLY A 178 16.17 3.42 9.20
CA GLY A 178 17.57 2.96 9.16
C GLY A 178 18.44 3.99 8.50
N GLU A 179 19.71 4.03 8.93
CA GLU A 179 20.74 4.89 8.36
C GLU A 179 20.30 6.40 8.49
N GLY A 180 19.60 6.69 9.54
CA GLY A 180 19.21 8.07 9.83
C GLY A 180 18.04 8.56 8.98
N MET A 181 17.39 7.65 8.30
CA MET A 181 16.31 7.99 7.44
C MET A 181 14.99 7.89 8.19
N PHE A 182 14.20 8.94 8.20
CA PHE A 182 12.97 8.93 8.91
C PHE A 182 11.81 9.25 7.97
N GLY A 183 10.66 8.79 8.31
CA GLY A 183 9.47 9.08 7.55
C GLY A 183 9.11 10.53 7.40
N GLU A 184 8.79 11.01 6.21
CA GLU A 184 8.45 12.41 6.01
C GLU A 184 7.01 12.77 6.48
N ASP A 185 6.07 11.80 6.45
CA ASP A 185 4.69 12.04 6.62
C ASP A 185 4.04 10.69 6.73
N ASN A 186 2.82 10.70 7.18
CA ASN A 186 1.97 9.49 7.16
C ASN A 186 1.07 9.57 5.93
N VAL A 187 0.55 8.42 5.51
CA VAL A 187 -0.41 8.39 4.45
C VAL A 187 -1.41 7.36 4.82
N GLN A 188 -2.61 7.49 4.27
CA GLN A 188 -3.63 6.49 4.38
C GLN A 188 -4.41 6.21 3.10
N THR A 189 -5.06 5.06 3.12
CA THR A 189 -6.00 4.75 2.04
C THR A 189 -7.02 3.76 2.60
N HIS A 190 -8.17 3.75 1.99
CA HIS A 190 -9.19 2.78 2.28
C HIS A 190 -9.73 2.38 0.94
N PHE A 191 -9.97 1.10 0.76
CA PHE A 191 -10.57 0.64 -0.51
C PHE A 191 -11.41 -0.60 -0.24
N THR A 192 -12.13 -1.02 -1.26
CA THR A 192 -13.05 -2.13 -1.22
C THR A 192 -12.82 -3.09 -2.35
N ILE A 193 -13.03 -4.36 -2.05
CA ILE A 193 -12.91 -5.39 -3.05
C ILE A 193 -14.27 -5.59 -3.69
N GLY A 194 -14.30 -5.43 -4.99
CA GLY A 194 -15.49 -5.80 -5.77
C GLY A 194 -15.66 -7.23 -6.23
N ASP A 195 -16.47 -7.44 -7.30
CA ASP A 195 -16.72 -8.74 -7.80
C ASP A 195 -15.42 -9.50 -8.22
N GLU A 196 -15.43 -10.82 -8.06
CA GLU A 196 -14.40 -11.73 -8.54
C GLU A 196 -14.48 -11.82 -10.06
N VAL A 197 -13.48 -11.32 -10.73
CA VAL A 197 -13.43 -11.38 -12.21
C VAL A 197 -12.10 -11.96 -12.57
N ILE A 198 -12.11 -13.10 -13.26
CA ILE A 198 -10.95 -13.87 -13.58
C ILE A 198 -11.11 -14.32 -15.00
N ALA A 199 -10.15 -13.91 -15.81
CA ALA A 199 -10.18 -14.13 -17.28
C ALA A 199 -9.00 -15.09 -17.53
N THR A 200 -9.28 -16.26 -18.12
CA THR A 200 -8.27 -17.26 -18.39
C THR A 200 -8.08 -17.39 -19.88
N ALA A 201 -6.84 -17.21 -20.25
CA ALA A 201 -6.43 -17.45 -21.67
C ALA A 201 -5.72 -18.82 -21.73
N ASP A 202 -6.32 -19.80 -22.43
CA ASP A 202 -5.74 -21.13 -22.54
C ASP A 202 -5.15 -21.25 -23.91
N ASP A 203 -3.85 -21.47 -23.99
CA ASP A 203 -3.20 -21.51 -25.31
C ASP A 203 -3.66 -22.76 -26.05
N ASN A 204 -4.22 -23.76 -25.41
CA ASN A 204 -4.63 -24.98 -26.11
C ASN A 204 -5.88 -24.71 -26.94
N THR A 205 -6.72 -23.81 -26.45
CA THR A 205 -7.99 -23.46 -27.12
C THR A 205 -7.89 -22.11 -27.83
N LYS A 206 -6.88 -21.31 -27.52
CA LYS A 206 -6.83 -19.90 -27.90
C LYS A 206 -8.10 -19.09 -27.63
N ILE A 207 -8.70 -19.32 -26.48
CA ILE A 207 -9.85 -18.59 -26.06
C ILE A 207 -9.52 -17.95 -24.67
N LEU A 208 -9.90 -16.69 -24.59
CA LEU A 208 -9.81 -15.91 -23.29
C LEU A 208 -11.23 -15.88 -22.74
N THR A 209 -11.48 -16.55 -21.58
CA THR A 209 -12.85 -16.72 -21.05
C THR A 209 -12.86 -15.88 -19.80
N VAL A 210 -13.79 -14.97 -19.74
CA VAL A 210 -13.93 -14.11 -18.56
C VAL A 210 -15.02 -14.69 -17.70
N ARG A 211 -14.71 -14.87 -16.40
CA ARG A 211 -15.65 -15.43 -15.45
C ARG A 211 -15.86 -14.41 -14.34
N VAL A 212 -17.10 -14.14 -14.05
CA VAL A 212 -17.49 -13.26 -12.96
C VAL A 212 -18.18 -14.14 -11.93
N ASN A 213 -17.64 -14.11 -10.72
CA ASN A 213 -18.10 -14.92 -9.61
C ASN A 213 -18.32 -16.34 -10.09
N GLY A 214 -17.39 -16.80 -10.93
CA GLY A 214 -17.26 -18.21 -11.23
C GLY A 214 -17.93 -18.57 -12.53
N GLU A 215 -18.70 -17.64 -13.10
CA GLU A 215 -19.60 -17.97 -14.21
C GLU A 215 -19.14 -17.26 -15.46
N VAL A 216 -19.14 -17.99 -16.58
CA VAL A 216 -18.67 -17.46 -17.86
C VAL A 216 -19.59 -16.33 -18.33
N VAL A 217 -19.05 -15.14 -18.54
CA VAL A 217 -19.77 -14.05 -19.14
C VAL A 217 -19.33 -13.66 -20.54
N LYS A 218 -18.13 -14.09 -20.94
CA LYS A 218 -17.57 -13.67 -22.24
C LYS A 218 -16.53 -14.65 -22.62
N SER A 219 -16.57 -15.07 -23.88
CA SER A 219 -15.45 -15.77 -24.46
C SER A 219 -14.91 -14.88 -25.58
N MET A 220 -13.60 -14.86 -25.76
CA MET A 220 -12.92 -13.99 -26.71
C MET A 220 -11.89 -14.84 -27.43
N PRO A 221 -12.00 -14.98 -28.75
CA PRO A 221 -10.87 -15.60 -29.36
C PRO A 221 -9.63 -14.71 -29.23
N THR A 222 -8.48 -15.31 -29.00
CA THR A 222 -7.27 -14.51 -28.88
C THR A 222 -6.09 -15.03 -29.72
N SER A 223 -5.16 -14.13 -30.01
CA SER A 223 -3.84 -14.44 -30.50
C SER A 223 -2.77 -13.83 -29.59
N MET A 224 -1.95 -14.72 -29.02
CA MET A 224 -0.97 -14.40 -28.00
C MET A 224 0.36 -14.41 -28.69
N GLY A 225 1.43 -14.44 -27.93
CA GLY A 225 2.74 -14.27 -28.45
C GLY A 225 3.20 -15.49 -29.28
N LYS A 226 3.77 -15.22 -30.44
CA LYS A 226 4.28 -16.30 -31.28
C LYS A 226 5.41 -16.98 -30.57
N ASP A 227 5.80 -18.17 -31.06
CA ASP A 227 6.76 -18.97 -30.32
C ASP A 227 8.09 -18.24 -29.98
N SER A 228 8.51 -17.36 -30.87
CA SER A 228 9.74 -16.58 -30.73
C SER A 228 9.64 -15.57 -29.60
N THR A 229 8.41 -15.20 -29.22
CA THR A 229 8.19 -14.12 -28.26
C THR A 229 6.89 -14.48 -27.52
N PRO A 230 6.95 -15.52 -26.67
CA PRO A 230 5.72 -16.09 -26.17
C PRO A 230 5.14 -15.30 -25.00
N THR A 231 3.86 -15.53 -24.77
CA THR A 231 3.20 -14.97 -23.60
C THR A 231 3.60 -15.90 -22.44
N ALA A 232 4.10 -15.32 -21.34
CA ALA A 232 4.39 -16.11 -20.15
C ALA A 232 3.13 -16.61 -19.48
N ASN A 233 3.23 -17.83 -18.95
CA ASN A 233 2.15 -18.39 -18.22
C ASN A 233 2.11 -17.63 -16.89
N GLY A 234 0.98 -17.76 -16.20
CA GLY A 234 0.86 -17.24 -14.85
C GLY A 234 -0.30 -16.36 -14.58
N ILE A 235 -0.31 -15.83 -13.33
CA ILE A 235 -1.33 -14.95 -12.87
C ILE A 235 -0.91 -13.51 -12.99
N TYR A 236 -1.69 -12.76 -13.70
CA TYR A 236 -1.49 -11.31 -13.94
C TYR A 236 -2.63 -10.50 -13.32
N ILE A 237 -2.24 -9.46 -12.60
CA ILE A 237 -3.12 -8.45 -12.05
C ILE A 237 -3.37 -7.34 -13.07
N VAL A 238 -4.62 -7.04 -13.31
CA VAL A 238 -5.03 -5.91 -14.16
C VAL A 238 -4.63 -4.60 -13.57
N GLY A 239 -3.97 -3.81 -14.40
CA GLY A 239 -3.52 -2.45 -14.09
C GLY A 239 -4.40 -1.35 -14.73
N SER A 240 -3.73 -0.39 -15.29
CA SER A 240 -4.30 0.75 -16.01
C SER A 240 -4.93 0.35 -17.34
N ARG A 241 -5.78 1.22 -17.82
CA ARG A 241 -6.44 0.98 -19.08
C ARG A 241 -6.35 2.23 -19.89
N TYR A 242 -6.21 2.09 -21.20
CA TYR A 242 -6.10 3.26 -22.04
C TYR A 242 -6.98 3.14 -23.29
N LYS A 243 -7.70 4.22 -23.60
CA LYS A 243 -8.57 4.23 -24.81
C LYS A 243 -7.75 4.11 -26.06
N HIS A 244 -6.63 4.80 -26.05
CA HIS A 244 -5.71 4.79 -27.17
C HIS A 244 -4.30 4.94 -26.64
N ILE A 245 -3.35 4.18 -27.17
CA ILE A 245 -1.97 4.30 -26.75
C ILE A 245 -0.98 3.90 -27.85
N ILE A 246 0.21 4.43 -27.76
CA ILE A 246 1.30 4.22 -28.72
C ILE A 246 2.29 3.01 -28.63
N MET A 247 1.91 1.88 -28.04
CA MET A 247 2.73 0.68 -27.86
C MET A 247 4.06 0.60 -28.60
N ASP A 248 5.16 0.73 -27.90
CA ASP A 248 6.48 0.88 -28.52
C ASP A 248 7.46 -0.10 -27.81
N SER A 249 8.38 -0.73 -28.54
CA SER A 249 9.19 -1.85 -27.97
C SER A 249 10.40 -1.32 -27.15
N SER A 250 10.81 -0.08 -27.48
CA SER A 250 11.88 0.68 -26.81
C SER A 250 11.63 0.93 -25.34
N THR A 251 10.38 0.80 -24.91
CA THR A 251 10.02 0.88 -23.49
C THR A 251 10.60 -0.33 -22.68
N THR A 264 2.78 0.68 -32.67
CA THR A 264 1.58 0.17 -33.19
C THR A 264 0.56 0.99 -32.38
N ASP A 265 -0.14 1.93 -33.06
CA ASP A 265 -1.30 2.64 -32.49
C ASP A 265 -2.24 1.56 -32.06
N VAL A 266 -2.71 1.68 -30.84
CA VAL A 266 -3.44 0.57 -30.28
C VAL A 266 -4.63 1.22 -29.57
N ASP A 267 -5.80 0.60 -29.70
CA ASP A 267 -6.98 1.06 -29.01
C ASP A 267 -7.31 0.07 -27.93
N TRP A 268 -8.09 0.56 -26.97
CA TRP A 268 -8.69 -0.27 -25.94
C TRP A 268 -7.67 -1.22 -25.29
N ALA A 269 -6.68 -0.63 -24.66
CA ALA A 269 -5.55 -1.35 -24.15
C ALA A 269 -5.59 -1.45 -22.64
N THR A 270 -5.66 -2.66 -22.14
CA THR A 270 -5.71 -2.94 -20.67
C THR A 270 -4.37 -3.58 -20.31
N GLN A 271 -3.60 -2.93 -19.47
CA GLN A 271 -2.31 -3.46 -19.10
C GLN A 271 -2.42 -4.50 -18.02
N ILE A 272 -1.62 -5.56 -18.16
CA ILE A 272 -1.59 -6.65 -17.23
C ILE A 272 -0.18 -7.02 -16.74
N SER A 273 0.87 -6.36 -17.22
CA SER A 273 2.19 -6.50 -16.64
C SER A 273 3.00 -5.29 -16.86
N TYR A 274 3.95 -5.04 -15.97
CA TYR A 274 4.88 -3.89 -16.04
C TYR A 274 5.81 -4.14 -17.22
N SER A 275 6.08 -5.43 -17.48
CA SER A 275 6.85 -5.89 -18.66
C SER A 275 6.22 -5.63 -20.02
N GLY A 276 4.97 -5.22 -20.05
CA GLY A 276 4.33 -4.73 -21.28
C GLY A 276 3.30 -5.62 -21.96
N VAL A 277 2.74 -6.55 -21.22
CA VAL A 277 1.70 -7.33 -21.70
C VAL A 277 0.42 -6.55 -21.52
N PHE A 278 -0.31 -6.41 -22.64
CA PHE A 278 -1.66 -5.83 -22.65
C PHE A 278 -2.65 -6.76 -23.30
N VAL A 279 -3.91 -6.60 -22.93
CA VAL A 279 -5.03 -7.06 -23.69
C VAL A 279 -5.47 -5.87 -24.53
N HIS A 280 -5.56 -6.03 -25.84
CA HIS A 280 -5.88 -4.89 -26.65
C HIS A 280 -6.48 -5.26 -28.01
N SER A 281 -6.98 -4.21 -28.65
CA SER A 281 -7.58 -4.28 -30.01
C SER A 281 -6.52 -4.55 -31.04
N ALA A 282 -6.69 -5.62 -31.78
CA ALA A 282 -5.74 -5.98 -32.83
C ALA A 282 -6.51 -6.28 -34.10
N PRO A 283 -7.01 -5.22 -34.76
CA PRO A 283 -7.73 -5.56 -36.02
C PRO A 283 -6.86 -6.33 -37.04
N TRP A 284 -5.54 -6.22 -36.97
CA TRP A 284 -4.69 -6.77 -38.02
C TRP A 284 -4.57 -8.32 -37.88
N SER A 285 -4.93 -8.93 -36.73
CA SER A 285 -4.79 -10.36 -36.51
C SER A 285 -6.10 -11.11 -36.23
N VAL A 286 -7.24 -10.54 -36.69
CA VAL A 286 -8.57 -11.13 -36.39
C VAL A 286 -8.74 -12.52 -36.92
N GLY A 287 -8.26 -12.75 -38.14
CA GLY A 287 -8.24 -14.08 -38.67
C GLY A 287 -7.41 -15.07 -37.88
N ALA A 288 -6.34 -14.61 -37.26
CA ALA A 288 -5.50 -15.53 -36.45
C ALA A 288 -6.07 -15.86 -35.02
N GLN A 289 -6.98 -15.02 -34.55
CA GLN A 289 -7.46 -15.06 -33.16
C GLN A 289 -8.32 -16.29 -33.04
N GLY A 290 -8.05 -17.13 -32.05
CA GLY A 290 -8.71 -18.41 -31.95
C GLY A 290 -7.97 -19.53 -32.62
N HIS A 291 -6.83 -19.27 -33.26
CA HIS A 291 -6.11 -20.26 -34.09
C HIS A 291 -4.61 -20.25 -34.01
N THR A 292 -4.00 -19.08 -34.16
CA THR A 292 -2.56 -18.95 -34.35
C THR A 292 -2.06 -17.76 -33.54
N ASN A 293 -1.03 -18.02 -32.76
CA ASN A 293 -0.34 -16.98 -32.02
C ASN A 293 0.56 -16.27 -32.95
N THR A 294 0.49 -14.96 -32.82
CA THR A 294 1.02 -14.01 -33.71
C THR A 294 1.63 -12.74 -33.15
N SER A 295 1.48 -12.46 -31.86
CA SER A 295 1.94 -11.23 -31.32
C SER A 295 3.29 -11.33 -30.70
N HIS A 296 3.72 -10.18 -30.21
CA HIS A 296 4.92 -10.02 -29.43
C HIS A 296 4.76 -10.39 -27.96
N GLY A 297 3.56 -10.82 -27.59
CA GLY A 297 3.34 -11.28 -26.25
C GLY A 297 2.03 -10.78 -25.70
N CYS A 298 1.49 -9.77 -26.36
CA CYS A 298 0.20 -9.19 -26.03
C CYS A 298 -0.92 -10.17 -26.31
N LEU A 299 -2.02 -10.04 -25.56
CA LEU A 299 -3.20 -10.81 -25.89
C LEU A 299 -4.03 -9.97 -26.86
N ASN A 300 -3.84 -10.22 -28.16
CA ASN A 300 -4.60 -9.58 -29.24
C ASN A 300 -6.02 -10.08 -29.28
N VAL A 301 -6.97 -9.18 -29.34
CA VAL A 301 -8.36 -9.59 -29.45
C VAL A 301 -9.00 -8.56 -30.38
N SER A 302 -10.27 -8.80 -30.68
CA SER A 302 -10.95 -8.00 -31.73
C SER A 302 -11.16 -6.61 -31.14
N PRO A 303 -11.32 -5.59 -32.00
CA PRO A 303 -11.63 -4.20 -31.56
C PRO A 303 -12.84 -4.14 -30.58
N SER A 304 -13.85 -4.93 -30.92
CA SER A 304 -15.04 -5.14 -30.13
C SER A 304 -14.80 -5.75 -28.73
N ASN A 305 -14.11 -6.89 -28.72
CA ASN A 305 -13.79 -7.59 -27.48
C ASN A 305 -12.86 -6.80 -26.62
N ALA A 306 -11.96 -6.07 -27.24
CA ALA A 306 -11.00 -5.21 -26.50
C ALA A 306 -11.71 -4.10 -25.74
N GLN A 307 -12.75 -3.55 -26.35
CA GLN A 307 -13.52 -2.50 -25.73
C GLN A 307 -14.40 -3.10 -24.66
N TRP A 308 -14.97 -4.29 -24.90
CA TRP A 308 -15.67 -4.98 -23.82
C TRP A 308 -14.73 -5.10 -22.56
N PHE A 309 -13.52 -5.59 -22.80
CA PHE A 309 -12.57 -5.78 -21.68
C PHE A 309 -12.28 -4.46 -20.95
N TYR A 310 -12.07 -3.40 -21.73
CA TYR A 310 -11.77 -2.07 -21.25
C TYR A 310 -12.94 -1.58 -20.39
N ASP A 311 -14.15 -1.86 -20.83
CA ASP A 311 -15.33 -1.42 -20.10
C ASP A 311 -15.73 -2.24 -18.85
N HIS A 312 -15.42 -3.52 -18.78
CA HIS A 312 -15.99 -4.41 -17.79
C HIS A 312 -14.93 -4.98 -16.84
N VAL A 313 -13.64 -4.85 -17.18
CA VAL A 313 -12.55 -5.32 -16.32
C VAL A 313 -11.98 -4.11 -15.63
N LYS A 314 -11.72 -4.22 -14.32
CA LYS A 314 -11.16 -3.10 -13.52
C LYS A 314 -9.83 -3.52 -12.89
N ARG A 315 -9.09 -2.52 -12.45
CA ARG A 315 -7.83 -2.68 -11.76
C ARG A 315 -8.01 -3.67 -10.67
N GLY A 316 -7.09 -4.59 -10.62
CA GLY A 316 -7.09 -5.64 -9.64
C GLY A 316 -7.77 -6.95 -10.03
N ASP A 317 -8.54 -6.97 -11.12
CA ASP A 317 -9.11 -8.21 -11.63
C ASP A 317 -7.94 -9.05 -12.13
N ILE A 318 -8.17 -10.34 -12.46
CA ILE A 318 -7.11 -11.25 -12.77
C ILE A 318 -7.20 -11.79 -14.22
N VAL A 319 -6.04 -11.90 -14.83
CA VAL A 319 -5.84 -12.71 -16.08
C VAL A 319 -4.86 -13.81 -15.82
N GLU A 320 -5.24 -15.07 -16.06
CA GLU A 320 -4.42 -16.19 -15.91
C GLU A 320 -4.17 -16.72 -17.30
N VAL A 321 -2.92 -16.78 -17.61
CA VAL A 321 -2.47 -17.47 -18.82
C VAL A 321 -1.99 -18.90 -18.53
N VAL A 322 -2.42 -19.86 -19.38
CA VAL A 322 -2.02 -21.27 -19.19
C VAL A 322 -1.71 -21.98 -20.50
N ASN A 323 -0.73 -22.89 -20.43
CA ASN A 323 -0.36 -23.85 -21.52
C ASN A 323 0.37 -23.19 -22.70
N THR A 324 0.85 -21.97 -22.58
CA THR A 324 1.82 -21.42 -23.58
C THR A 324 3.20 -22.08 -23.52
N VAL A 325 3.95 -21.97 -24.63
CA VAL A 325 5.36 -22.40 -24.63
C VAL A 325 6.26 -21.42 -23.87
N GLY A 326 5.72 -20.38 -23.22
CA GLY A 326 6.57 -19.45 -22.46
C GLY A 326 6.93 -20.01 -21.05
N GLY A 327 7.67 -19.26 -20.26
CA GLY A 327 7.94 -19.66 -18.86
C GLY A 327 6.88 -18.99 -18.01
N THR A 328 7.23 -18.54 -16.81
CA THR A 328 6.28 -18.02 -15.90
C THR A 328 6.53 -16.53 -15.66
N LEU A 329 5.49 -15.80 -15.52
CA LEU A 329 5.65 -14.38 -15.22
C LEU A 329 6.35 -14.20 -13.88
N PRO A 330 7.35 -13.31 -13.82
CA PRO A 330 8.02 -13.10 -12.54
C PRO A 330 7.18 -12.53 -11.46
N GLY A 331 7.35 -13.01 -10.26
CA GLY A 331 6.59 -12.54 -9.14
C GLY A 331 6.89 -11.09 -8.78
N ILE A 332 8.08 -10.58 -9.13
CA ILE A 332 8.47 -9.16 -8.91
C ILE A 332 8.28 -8.23 -10.11
N ASP A 333 7.40 -8.62 -11.03
CA ASP A 333 7.15 -7.81 -12.20
C ASP A 333 6.63 -6.42 -11.85
N GLY A 334 5.75 -6.32 -10.82
CA GLY A 334 4.94 -5.16 -10.64
C GLY A 334 3.45 -5.54 -10.53
N LEU A 335 3.04 -6.45 -11.41
CA LEU A 335 1.68 -7.03 -11.49
C LEU A 335 1.68 -8.58 -11.41
N GLY A 336 2.78 -9.18 -10.95
CA GLY A 336 2.99 -10.57 -10.89
C GLY A 336 3.07 -11.22 -9.54
N ASP A 337 2.58 -10.48 -8.55
CA ASP A 337 2.68 -10.89 -7.13
C ASP A 337 2.18 -12.34 -6.77
N TRP A 338 1.11 -12.74 -7.42
CA TRP A 338 0.47 -13.99 -7.16
C TRP A 338 1.29 -15.19 -7.65
N ASN A 339 2.35 -14.96 -8.40
CA ASN A 339 3.14 -16.07 -8.93
C ASN A 339 4.19 -16.52 -7.87
N ILE A 340 4.32 -15.73 -6.79
CA ILE A 340 5.18 -16.12 -5.64
C ILE A 340 4.36 -17.02 -4.73
N PRO A 341 4.83 -18.27 -4.48
CA PRO A 341 4.10 -19.16 -3.59
C PRO A 341 3.97 -18.59 -2.20
N TRP A 342 2.86 -18.91 -1.56
CA TRP A 342 2.57 -18.33 -0.21
C TRP A 342 3.64 -18.53 0.81
N ASP A 343 4.24 -19.72 0.88
CA ASP A 343 5.33 -19.88 1.90
C ASP A 343 6.46 -18.92 1.74
N GLN A 344 6.83 -18.65 0.50
CA GLN A 344 7.86 -17.68 0.20
C GLN A 344 7.37 -16.24 0.48
N TRP A 345 6.16 -15.91 0.05
CA TRP A 345 5.63 -14.58 0.21
C TRP A 345 5.54 -14.30 1.70
N ARG A 346 4.91 -15.19 2.45
CA ARG A 346 4.66 -14.96 3.85
C ARG A 346 5.98 -14.88 4.62
N ALA A 347 6.95 -15.73 4.28
CA ALA A 347 8.25 -15.65 5.01
C ALA A 347 8.88 -14.26 4.81
N GLY A 348 8.57 -13.69 3.68
CA GLY A 348 8.96 -12.31 3.42
C GLY A 348 10.43 -12.18 3.10
N ASN A 349 10.88 -10.94 2.94
CA ASN A 349 12.24 -10.62 2.65
C ASN A 349 12.72 -9.31 3.33
N ALA A 350 12.28 -9.12 4.56
CA ALA A 350 12.68 -7.97 5.34
C ALA A 350 14.14 -7.92 5.73
N LYS A 351 14.82 -9.02 5.79
CA LYS A 351 16.24 -8.95 6.08
C LYS A 351 17.13 -9.18 4.86
N2 MLD B . 7.80 2.40 30.41
C2 MLD B . 7.46 2.89 31.72
O5 MLD B . 9.55 3.78 31.26
C1 MLD B . 8.48 3.94 32.16
O1 MLD B . 8.06 5.36 32.24
CA4 MLD B . 6.74 5.64 31.82
CA5 MLD B . 6.73 5.50 30.26
OA5 MLD B . 5.91 6.42 29.61
CA6 MLD B . 5.96 4.29 29.75
OA6 MLD B . 4.60 4.74 29.80
CA1 MLD B . 4.57 6.15 30.10
CA2 MLD B . 4.47 6.53 31.64
NAD MLD B . 3.27 7.37 31.94
CAE MLD B . 2.62 8.32 31.18
CAF MLD B . 2.51 8.09 29.78
OAG MLD B . 2.08 9.34 31.54
CA3 MLD B . 5.90 6.92 32.24
OAH MLD B . 6.18 7.53 33.52
CAI MLD B . 7.18 8.57 33.65
CAJ MLD B . 8.64 8.13 33.58
CAL MLD B . 7.09 9.65 34.76
OAM MLD B . 6.69 10.68 34.36
N MLD B . 7.46 9.54 36.07
CA MLD B . 7.26 10.65 37.01
CB MLD B . 7.57 10.32 38.46
C MLD B . 8.05 11.89 36.69
O MLD B . 9.19 11.80 36.39
NAN MLD B . 7.45 13.08 36.75
CAO MLD B . 8.07 14.24 36.16
CAP MLD B . 7.26 15.28 35.44
OBA MLD B . 7.63 16.43 35.54
OAQ MLD B . 6.33 15.00 34.69
CBB MLD B . 9.10 14.79 37.10
CBC MLD B . 8.68 15.11 38.48
CBD MLD B . 10.03 15.27 39.19
OBE MLD B . 11.07 14.68 38.96
NBF MLD B . 10.10 16.17 40.13
CBG MLD B . 10.02 17.59 39.94
CBH MLD B . 10.57 18.06 38.61
OBI MLD B . 11.39 17.35 38.16
NBJ MLD B . 10.14 19.21 37.96
CBP MLD B . 10.80 18.03 41.13
CBQ MLD B . 12.31 18.27 40.92
CBR MLD B . 12.65 19.76 40.96
CBS MLD B . 11.89 20.49 42.05
CBT MLD B . 10.51 20.84 41.55
OBV MLD B . 10.33 21.55 40.50
OBU MLD B . 9.58 20.36 42.22
NBW MLD B . 12.60 21.61 42.70
#